data_8YS3
#
_entry.id   8YS3
#
_cell.length_a   47.210
_cell.length_b   33.350
_cell.length_c   67.090
_cell.angle_alpha   90.000
_cell.angle_beta   107.740
_cell.angle_gamma   90.000
#
_symmetry.space_group_name_H-M   'P 1 21 1'
#
loop_
_entity.id
_entity.type
_entity.pdbx_description
1 polymer Thioredoxin
2 water water
#
_entity_poly.entity_id   1
_entity_poly.type   'polypeptide(L)'
_entity_poly.pdbx_seq_one_letter_code
;MHHHHHHHHGSENLYFQSVKLIESKEAFQEALAAAGDKLVVVDFSATWCGPCKMIKPFFHSLCDKYSNVVLLEVDVDDCQ
DVAADCEVKCMPTFQFYKKGQKVGEFSGANKEKLEATITEFA
;
_entity_poly.pdbx_strand_id   A,B
#
# COMPACT_ATOMS: atom_id res chain seq x y z
N SER A 18 -3.65 -17.80 17.46
CA SER A 18 -3.83 -17.73 15.99
C SER A 18 -4.32 -16.33 15.58
N VAL A 19 -3.66 -15.74 14.58
CA VAL A 19 -4.08 -14.47 13.99
C VAL A 19 -5.30 -14.73 13.11
N LYS A 20 -6.40 -14.05 13.42
CA LYS A 20 -7.66 -14.28 12.75
C LYS A 20 -7.73 -13.45 11.47
N LEU A 21 -7.92 -14.13 10.31
CA LEU A 21 -8.15 -13.44 9.05
C LEU A 21 -9.54 -12.83 9.01
N ILE A 22 -9.62 -11.56 8.62
CA ILE A 22 -10.90 -10.88 8.43
C ILE A 22 -11.12 -10.58 6.95
N GLU A 23 -12.22 -11.12 6.39
CA GLU A 23 -12.54 -11.00 4.98
C GLU A 23 -13.83 -10.23 4.71
N SER A 24 -14.47 -9.66 5.74
CA SER A 24 -15.64 -8.83 5.46
C SER A 24 -15.84 -7.80 6.54
N LYS A 25 -16.64 -6.77 6.22
CA LYS A 25 -16.96 -5.75 7.18
C LYS A 25 -17.65 -6.37 8.39
N GLU A 26 -18.55 -7.31 8.13
CA GLU A 26 -19.30 -7.95 9.20
C GLU A 26 -18.35 -8.78 10.09
N ALA A 27 -17.38 -9.49 9.50
CA ALA A 27 -16.48 -10.26 10.33
C ALA A 27 -15.62 -9.34 11.21
N PHE A 28 -15.22 -8.19 10.69
CA PHE A 28 -14.47 -7.18 11.44
C PHE A 28 -15.29 -6.69 12.64
N GLN A 29 -16.56 -6.39 12.41
CA GLN A 29 -17.41 -5.89 13.48
C GLN A 29 -17.59 -6.96 14.55
N GLU A 30 -17.75 -8.22 14.13
CA GLU A 30 -17.95 -9.34 15.02
C GLU A 30 -16.68 -9.52 15.85
N ALA A 31 -15.51 -9.37 15.23
CA ALA A 31 -14.26 -9.58 15.93
C ALA A 31 -14.04 -8.47 16.95
N LEU A 32 -14.44 -7.25 16.61
CA LEU A 32 -14.31 -6.15 17.55
C LEU A 32 -15.23 -6.37 18.76
N ALA A 33 -16.44 -6.86 18.50
CA ALA A 33 -17.34 -7.21 19.59
C ALA A 33 -16.81 -8.37 20.40
N ALA A 34 -16.27 -9.41 19.75
CA ALA A 34 -15.78 -10.57 20.49
C ALA A 34 -14.58 -10.23 21.38
N ALA A 35 -13.86 -9.13 21.09
CA ALA A 35 -12.66 -8.76 21.84
C ALA A 35 -12.99 -8.15 23.21
N GLY A 36 -14.21 -7.66 23.38
CA GLY A 36 -14.60 -7.02 24.62
C GLY A 36 -13.79 -5.76 24.89
N ASP A 37 -13.00 -5.80 25.97
CA ASP A 37 -12.24 -4.63 26.39
C ASP A 37 -10.78 -4.74 25.95
N LYS A 38 -10.43 -5.82 25.23
CA LYS A 38 -9.04 -6.12 24.94
C LYS A 38 -8.57 -5.25 23.77
N LEU A 39 -7.30 -4.86 23.81
CA LEU A 39 -6.67 -4.27 22.64
C LEU A 39 -6.78 -5.24 21.46
N VAL A 40 -7.18 -4.69 20.33
CA VAL A 40 -7.22 -5.40 19.07
C VAL A 40 -6.18 -4.74 18.17
N VAL A 41 -5.26 -5.54 17.59
CA VAL A 41 -4.29 -5.04 16.64
C VAL A 41 -4.58 -5.72 15.30
N VAL A 42 -4.71 -4.91 14.25
CA VAL A 42 -5.02 -5.36 12.91
C VAL A 42 -3.86 -5.06 11.97
N ASP A 43 -3.32 -6.13 11.37
CA ASP A 43 -2.32 -6.03 10.34
C ASP A 43 -3.02 -6.01 8.99
N PHE A 44 -2.95 -4.84 8.32
CA PHE A 44 -3.41 -4.71 6.94
C PHE A 44 -2.23 -5.01 6.03
N SER A 45 -2.33 -6.06 5.21
CA SER A 45 -1.19 -6.57 4.46
C SER A 45 -1.61 -7.05 3.07
N ALA A 46 -0.57 -7.31 2.27
CA ALA A 46 -0.68 -7.83 0.93
C ALA A 46 0.47 -8.81 0.74
N THR A 47 0.17 -9.95 0.11
CA THR A 47 1.09 -11.07 0.08
C THR A 47 2.26 -10.78 -0.85
N TRP A 48 2.09 -9.79 -1.73
CA TRP A 48 3.11 -9.42 -2.68
C TRP A 48 4.04 -8.36 -2.11
N CYS A 49 3.69 -7.80 -0.94
CA CYS A 49 4.37 -6.61 -0.46
C CYS A 49 5.49 -7.06 0.48
N GLY A 50 6.73 -6.73 0.10
CA GLY A 50 7.90 -7.27 0.77
C GLY A 50 7.89 -7.11 2.29
N PRO A 51 7.74 -5.87 2.80
CA PRO A 51 7.73 -5.62 4.24
C PRO A 51 6.64 -6.38 4.96
N CYS A 52 5.51 -6.63 4.29
CA CYS A 52 4.46 -7.45 4.89
C CYS A 52 4.92 -8.88 5.12
N LYS A 53 5.55 -9.48 4.09
CA LYS A 53 6.06 -10.83 4.19
C LYS A 53 7.10 -10.90 5.30
N MET A 54 7.90 -9.84 5.39
CA MET A 54 8.98 -9.79 6.36
C MET A 54 8.45 -9.89 7.78
N ILE A 55 7.41 -9.09 8.09
CA ILE A 55 6.97 -8.89 9.46
C ILE A 55 5.97 -9.98 9.87
N LYS A 56 5.41 -10.74 8.90
CA LYS A 56 4.35 -11.70 9.19
C LYS A 56 4.71 -12.70 10.30
N PRO A 57 5.89 -13.35 10.30
CA PRO A 57 6.22 -14.29 11.37
C PRO A 57 6.30 -13.60 12.74
N PHE A 58 6.86 -12.38 12.78
CA PHE A 58 6.92 -11.62 14.02
C PHE A 58 5.50 -11.33 14.54
N PHE A 59 4.64 -10.82 13.64
CA PHE A 59 3.25 -10.58 13.99
C PHE A 59 2.56 -11.85 14.52
N HIS A 60 2.74 -13.01 13.89
CA HIS A 60 2.15 -14.22 14.43
C HIS A 60 2.75 -14.55 15.80
N SER A 61 4.04 -14.26 16.03
CA SER A 61 4.70 -14.60 17.28
C SER A 61 4.18 -13.77 18.47
N LEU A 62 3.45 -12.67 18.19
CA LEU A 62 3.06 -11.72 19.22
C LEU A 62 2.14 -12.30 20.28
N CYS A 63 1.34 -13.32 19.98
CA CYS A 63 0.41 -13.83 20.98
C CYS A 63 1.15 -14.50 22.14
N ASP A 64 2.42 -14.85 21.93
CA ASP A 64 3.26 -15.42 22.97
C ASP A 64 3.72 -14.32 23.92
N LYS A 65 3.89 -13.08 23.41
CA LYS A 65 4.40 -11.99 24.22
C LYS A 65 3.26 -11.27 24.90
N TYR A 66 2.11 -11.15 24.21
CA TYR A 66 1.02 -10.29 24.63
C TYR A 66 -0.26 -11.11 24.68
N SER A 67 -0.45 -11.78 25.82
CA SER A 67 -1.47 -12.79 25.88
C SER A 67 -2.89 -12.21 26.02
N ASN A 68 -3.06 -10.92 26.33
CA ASN A 68 -4.41 -10.37 26.40
C ASN A 68 -4.70 -9.36 25.28
N VAL A 69 -4.03 -9.56 24.13
CA VAL A 69 -4.28 -8.74 22.95
C VAL A 69 -4.81 -9.63 21.85
N VAL A 70 -5.77 -9.11 21.05
CA VAL A 70 -6.39 -9.87 19.97
C VAL A 70 -5.68 -9.43 18.69
N LEU A 71 -5.25 -10.39 17.86
CA LEU A 71 -4.55 -10.10 16.63
C LEU A 71 -5.40 -10.50 15.44
N LEU A 72 -5.62 -9.51 14.57
CA LEU A 72 -6.38 -9.73 13.35
C LEU A 72 -5.50 -9.41 12.15
N GLU A 73 -5.85 -10.00 11.02
CA GLU A 73 -5.18 -9.71 9.76
C GLU A 73 -6.22 -9.42 8.67
N VAL A 74 -5.99 -8.38 7.88
CA VAL A 74 -6.78 -8.11 6.70
C VAL A 74 -5.85 -8.14 5.50
N ASP A 75 -6.11 -9.02 4.55
CA ASP A 75 -5.40 -9.05 3.29
C ASP A 75 -6.12 -8.10 2.35
N VAL A 76 -5.45 -7.01 1.99
CA VAL A 76 -6.16 -5.92 1.33
C VAL A 76 -6.61 -6.35 -0.07
N ASP A 77 -5.99 -7.39 -0.63
CA ASP A 77 -6.39 -7.88 -1.94
C ASP A 77 -7.67 -8.72 -1.84
N ASP A 78 -7.87 -9.43 -0.72
CA ASP A 78 -9.03 -10.28 -0.55
C ASP A 78 -10.24 -9.47 -0.10
N CYS A 79 -10.01 -8.24 0.38
CA CYS A 79 -11.03 -7.49 1.10
C CYS A 79 -10.95 -6.01 0.75
N GLN A 80 -11.03 -5.62 -0.53
CA GLN A 80 -10.75 -4.22 -0.90
C GLN A 80 -11.73 -3.23 -0.24
N ASP A 81 -12.96 -3.67 0.09
CA ASP A 81 -13.93 -2.73 0.64
C ASP A 81 -13.62 -2.40 2.09
N VAL A 82 -13.18 -3.41 2.84
CA VAL A 82 -12.65 -3.17 4.17
C VAL A 82 -11.43 -2.25 4.13
N ALA A 83 -10.46 -2.52 3.25
CA ALA A 83 -9.28 -1.67 3.13
C ALA A 83 -9.70 -0.21 2.91
N ALA A 84 -10.70 0.02 2.06
CA ALA A 84 -11.10 1.36 1.69
C ALA A 84 -11.70 2.08 2.89
N ASP A 85 -12.50 1.35 3.67
CA ASP A 85 -13.16 1.87 4.85
C ASP A 85 -12.17 2.25 5.95
N CYS A 86 -11.00 1.61 5.97
CA CYS A 86 -10.06 1.78 7.06
C CYS A 86 -8.96 2.80 6.73
N GLU A 87 -9.00 3.38 5.53
CA GLU A 87 -8.11 4.45 5.10
C GLU A 87 -6.65 4.02 5.17
N VAL A 88 -6.35 2.83 4.66
CA VAL A 88 -4.99 2.33 4.60
C VAL A 88 -4.35 2.87 3.33
N LYS A 89 -3.06 3.19 3.40
CA LYS A 89 -2.32 3.66 2.23
C LYS A 89 -0.90 3.08 2.14
N CYS A 90 -0.37 2.56 3.25
CA CYS A 90 0.90 1.85 3.21
C CYS A 90 0.74 0.45 3.79
N MET A 91 1.64 -0.45 3.43
CA MET A 91 1.58 -1.73 4.07
C MET A 91 2.96 -2.18 4.52
N PRO A 92 3.04 -2.93 5.64
CA PRO A 92 1.90 -3.29 6.48
C PRO A 92 1.45 -2.04 7.23
N THR A 93 0.14 -1.92 7.47
CA THR A 93 -0.41 -0.95 8.38
C THR A 93 -0.97 -1.67 9.61
N PHE A 94 -0.56 -1.23 10.79
CA PHE A 94 -1.08 -1.74 12.05
C PHE A 94 -2.03 -0.73 12.65
N GLN A 95 -3.30 -1.14 12.80
CA GLN A 95 -4.31 -0.31 13.46
C GLN A 95 -4.68 -0.94 14.79
N PHE A 96 -4.92 -0.04 15.75
CA PHE A 96 -5.14 -0.39 17.13
C PHE A 96 -6.56 0.02 17.49
N TYR A 97 -7.35 -0.92 17.99
CA TYR A 97 -8.75 -0.68 18.35
C TYR A 97 -9.02 -1.06 19.79
N LYS A 98 -9.79 -0.20 20.45
CA LYS A 98 -10.34 -0.48 21.77
C LYS A 98 -11.82 -0.18 21.74
N LYS A 99 -12.59 -1.13 22.31
CA LYS A 99 -14.04 -1.05 22.37
C LYS A 99 -14.57 -0.49 21.05
N GLY A 100 -14.12 -1.11 19.97
CA GLY A 100 -14.75 -0.92 18.68
C GLY A 100 -14.32 0.33 17.97
N GLN A 101 -13.44 1.13 18.57
CA GLN A 101 -12.91 2.34 17.93
C GLN A 101 -11.39 2.29 17.76
N LYS A 102 -10.95 2.92 16.66
CA LYS A 102 -9.56 3.01 16.26
C LYS A 102 -8.87 4.08 17.10
N VAL A 103 -7.84 3.69 17.86
CA VAL A 103 -7.22 4.56 18.85
C VAL A 103 -5.76 4.82 18.46
N GLY A 104 -5.24 4.15 17.43
CA GLY A 104 -3.89 4.42 16.96
C GLY A 104 -3.61 3.66 15.67
N GLU A 105 -2.55 4.07 14.99
CA GLU A 105 -2.12 3.42 13.77
C GLU A 105 -0.70 3.83 13.45
N PHE A 106 0.04 2.90 12.86
CA PHE A 106 1.22 3.27 12.14
C PHE A 106 1.45 2.28 11.01
N SER A 107 2.30 2.66 10.05
CA SER A 107 2.67 1.71 9.03
C SER A 107 4.18 1.48 9.05
N GLY A 108 4.53 0.29 8.56
CA GLY A 108 5.92 -0.07 8.35
C GLY A 108 6.26 -1.33 9.12
N ALA A 109 7.20 -2.08 8.60
CA ALA A 109 7.60 -3.32 9.22
C ALA A 109 8.63 -3.01 10.33
N ASN A 110 8.15 -2.46 11.45
CA ASN A 110 9.00 -2.01 12.55
C ASN A 110 8.66 -2.81 13.81
N LYS A 111 9.51 -3.78 14.15
CA LYS A 111 9.26 -4.65 15.28
C LYS A 111 9.16 -3.86 16.59
N GLU A 112 10.13 -2.96 16.79
CA GLU A 112 10.23 -2.18 18.01
C GLU A 112 8.99 -1.32 18.21
N LYS A 113 8.57 -0.61 17.16
CA LYS A 113 7.40 0.26 17.25
C LYS A 113 6.15 -0.58 17.50
N LEU A 114 6.06 -1.75 16.90
CA LEU A 114 4.90 -2.58 17.14
C LEU A 114 4.78 -2.96 18.62
N GLU A 115 5.88 -3.36 19.25
CA GLU A 115 5.89 -3.76 20.65
C GLU A 115 5.57 -2.57 21.55
N ALA A 116 6.20 -1.45 21.25
CA ALA A 116 6.00 -0.26 22.07
C ALA A 116 4.56 0.21 21.95
N THR A 117 3.98 0.15 20.74
CA THR A 117 2.62 0.65 20.57
C THR A 117 1.62 -0.26 21.28
N ILE A 118 1.79 -1.58 21.13
CA ILE A 118 0.97 -2.53 21.87
C ILE A 118 1.02 -2.20 23.36
N THR A 119 2.23 -1.98 23.88
CA THR A 119 2.41 -1.81 25.31
C THR A 119 1.70 -0.53 25.74
N GLU A 120 1.73 0.50 24.88
CA GLU A 120 1.12 1.78 25.19
C GLU A 120 -0.39 1.66 25.32
N PHE A 121 -1.02 0.71 24.59
CA PHE A 121 -2.48 0.67 24.54
C PHE A 121 -3.07 -0.56 25.20
N ALA A 122 -2.26 -1.54 25.61
CA ALA A 122 -2.85 -2.81 25.98
C ALA A 122 -3.48 -2.67 27.38
N SER B 18 -3.52 9.49 -23.32
CA SER B 18 -3.51 9.80 -21.87
C SER B 18 -2.52 8.86 -21.19
N VAL B 19 -3.03 7.84 -20.51
CA VAL B 19 -2.23 7.00 -19.65
C VAL B 19 -2.37 5.57 -20.13
N LYS B 20 -1.27 4.83 -20.21
CA LYS B 20 -1.33 3.43 -20.58
C LYS B 20 -1.59 2.63 -19.30
N LEU B 21 -2.66 1.84 -19.35
CA LEU B 21 -3.11 0.97 -18.27
C LEU B 21 -2.41 -0.37 -18.42
N ILE B 22 -1.47 -0.65 -17.52
CA ILE B 22 -0.67 -1.85 -17.61
C ILE B 22 -1.38 -2.97 -16.88
N GLU B 23 -1.53 -4.14 -17.54
CA GLU B 23 -2.32 -5.22 -16.97
C GLU B 23 -1.52 -6.50 -16.80
N SER B 24 -0.21 -6.46 -17.10
CA SER B 24 0.64 -7.62 -16.93
C SER B 24 2.12 -7.26 -16.89
N LYS B 25 2.90 -8.20 -16.36
CA LYS B 25 4.35 -8.09 -16.35
C LYS B 25 4.90 -7.91 -17.77
N GLU B 26 4.38 -8.66 -18.75
CA GLU B 26 4.89 -8.52 -20.11
C GLU B 26 4.59 -7.13 -20.64
N ALA B 27 3.38 -6.62 -20.38
CA ALA B 27 3.01 -5.31 -20.90
C ALA B 27 3.93 -4.27 -20.29
N PHE B 28 4.31 -4.48 -19.03
CA PHE B 28 5.13 -3.53 -18.31
C PHE B 28 6.51 -3.46 -18.95
N GLN B 29 7.13 -4.63 -19.14
CA GLN B 29 8.43 -4.71 -19.79
C GLN B 29 8.41 -4.06 -21.16
N GLU B 30 7.35 -4.33 -21.95
CA GLU B 30 7.24 -3.87 -23.32
C GLU B 30 7.04 -2.35 -23.36
N ALA B 31 6.28 -1.80 -22.41
CA ALA B 31 6.13 -0.36 -22.29
C ALA B 31 7.48 0.31 -22.06
N LEU B 32 8.27 -0.28 -21.16
CA LEU B 32 9.53 0.29 -20.74
C LEU B 32 10.51 0.26 -21.90
N ALA B 33 10.41 -0.79 -22.72
CA ALA B 33 11.30 -0.91 -23.88
C ALA B 33 10.88 0.07 -24.95
N ALA B 34 9.57 0.14 -25.20
CA ALA B 34 8.99 0.96 -26.26
C ALA B 34 9.19 2.46 -26.00
N ALA B 35 9.52 2.84 -24.76
CA ALA B 35 9.64 4.26 -24.41
C ALA B 35 10.92 4.90 -24.92
N GLY B 36 11.89 4.10 -25.35
CA GLY B 36 13.18 4.64 -25.77
C GLY B 36 13.97 5.19 -24.59
N ASP B 37 14.46 6.44 -24.73
CA ASP B 37 15.19 7.11 -23.68
C ASP B 37 14.31 8.19 -23.03
N LYS B 38 13.00 8.12 -23.30
CA LYS B 38 12.07 9.05 -22.66
C LYS B 38 11.85 8.64 -21.21
N LEU B 39 11.58 9.65 -20.36
CA LEU B 39 11.19 9.38 -18.98
C LEU B 39 9.88 8.60 -18.97
N VAL B 40 9.82 7.55 -18.14
CA VAL B 40 8.56 6.84 -17.91
C VAL B 40 8.17 7.09 -16.45
N VAL B 41 6.91 7.49 -16.21
CA VAL B 41 6.45 7.76 -14.85
C VAL B 41 5.34 6.73 -14.68
N VAL B 42 5.47 5.91 -13.64
CA VAL B 42 4.51 4.87 -13.33
C VAL B 42 3.82 5.27 -12.02
N ASP B 43 2.48 5.29 -12.05
CA ASP B 43 1.67 5.41 -10.85
C ASP B 43 1.21 4.02 -10.46
N PHE B 44 1.75 3.52 -9.34
CA PHE B 44 1.26 2.29 -8.71
C PHE B 44 0.14 2.67 -7.76
N SER B 45 -1.06 2.18 -8.07
CA SER B 45 -2.30 2.70 -7.52
C SER B 45 -3.18 1.55 -7.04
N ALA B 46 -4.21 1.86 -6.23
CA ALA B 46 -5.26 0.90 -5.89
C ALA B 46 -6.59 1.66 -5.84
N THR B 47 -7.66 0.99 -6.29
CA THR B 47 -8.95 1.65 -6.45
C THR B 47 -9.60 1.95 -5.10
N TRP B 48 -9.15 1.29 -4.03
CA TRP B 48 -9.72 1.45 -2.72
C TRP B 48 -8.96 2.49 -1.89
N CYS B 49 -7.85 3.00 -2.43
CA CYS B 49 -6.91 3.74 -1.62
C CYS B 49 -7.15 5.24 -1.80
N GLY B 50 -7.51 5.92 -0.70
CA GLY B 50 -7.98 7.30 -0.74
C GLY B 50 -7.06 8.23 -1.53
N PRO B 51 -5.79 8.37 -1.14
CA PRO B 51 -4.89 9.26 -1.87
C PRO B 51 -4.67 8.95 -3.34
N CYS B 52 -4.84 7.67 -3.73
CA CYS B 52 -4.76 7.26 -5.13
C CYS B 52 -5.92 7.79 -5.93
N LYS B 53 -7.12 7.71 -5.35
CA LYS B 53 -8.31 8.20 -6.00
C LYS B 53 -8.17 9.72 -6.13
N MET B 54 -7.51 10.31 -5.14
CA MET B 54 -7.26 11.73 -5.09
C MET B 54 -6.35 12.23 -6.20
N ILE B 55 -5.15 11.65 -6.37
CA ILE B 55 -4.13 12.19 -7.27
C ILE B 55 -4.46 11.88 -8.74
N LYS B 56 -5.40 10.96 -8.99
CA LYS B 56 -5.64 10.41 -10.32
C LYS B 56 -5.89 11.51 -11.36
N PRO B 57 -6.73 12.55 -11.12
CA PRO B 57 -6.97 13.56 -12.16
C PRO B 57 -5.75 14.36 -12.57
N PHE B 58 -4.98 14.75 -11.55
CA PHE B 58 -3.72 15.43 -11.75
C PHE B 58 -2.81 14.54 -12.59
N PHE B 59 -2.70 13.25 -12.22
CA PHE B 59 -1.86 12.33 -12.99
C PHE B 59 -2.32 12.27 -14.44
N HIS B 60 -3.64 12.26 -14.66
CA HIS B 60 -4.16 12.22 -16.02
C HIS B 60 -3.85 13.53 -16.75
N SER B 61 -3.66 14.65 -16.02
CA SER B 61 -3.42 15.94 -16.64
C SER B 61 -1.98 16.14 -17.09
N LEU B 62 -1.07 15.22 -16.70
CA LEU B 62 0.34 15.46 -16.92
C LEU B 62 0.71 15.55 -18.40
N CYS B 63 -0.04 14.92 -19.30
CA CYS B 63 0.36 14.93 -20.70
C CYS B 63 0.19 16.31 -21.35
N ASP B 64 -0.50 17.22 -20.65
CA ASP B 64 -0.56 18.60 -21.07
C ASP B 64 0.75 19.29 -20.73
N LYS B 65 1.22 19.08 -19.49
CA LYS B 65 2.36 19.80 -18.95
C LYS B 65 3.66 19.19 -19.45
N TYR B 66 3.71 17.86 -19.62
CA TYR B 66 4.96 17.16 -19.84
C TYR B 66 4.80 16.19 -21.01
N SER B 67 4.95 16.75 -22.21
CA SER B 67 4.48 16.09 -23.42
C SER B 67 5.46 15.05 -23.93
N ASN B 68 6.70 15.02 -23.39
CA ASN B 68 7.69 14.04 -23.82
C ASN B 68 7.88 12.94 -22.77
N VAL B 69 6.95 12.81 -21.80
CA VAL B 69 7.08 11.79 -20.76
C VAL B 69 6.02 10.72 -21.02
N VAL B 70 6.35 9.45 -20.80
CA VAL B 70 5.43 8.35 -20.99
C VAL B 70 4.76 8.08 -19.64
N LEU B 71 3.41 8.00 -19.59
CA LEU B 71 2.73 7.77 -18.31
C LEU B 71 2.09 6.38 -18.29
N LEU B 72 2.39 5.58 -17.25
CA LEU B 72 1.84 4.25 -17.05
C LEU B 72 1.09 4.22 -15.71
N GLU B 73 0.01 3.43 -15.65
CA GLU B 73 -0.70 3.20 -14.39
C GLU B 73 -0.71 1.70 -14.17
N VAL B 74 -0.32 1.28 -12.97
CA VAL B 74 -0.39 -0.11 -12.56
C VAL B 74 -1.28 -0.20 -11.33
N ASP B 75 -2.38 -0.96 -11.40
CA ASP B 75 -3.16 -1.34 -10.24
C ASP B 75 -2.47 -2.50 -9.51
N VAL B 76 -2.07 -2.27 -8.27
CA VAL B 76 -1.22 -3.18 -7.55
C VAL B 76 -1.98 -4.47 -7.25
N ASP B 77 -3.31 -4.38 -7.12
CA ASP B 77 -4.09 -5.58 -6.85
C ASP B 77 -4.21 -6.45 -8.10
N ASP B 78 -4.20 -5.81 -9.27
CA ASP B 78 -4.32 -6.41 -10.61
C ASP B 78 -2.98 -6.99 -11.07
N CYS B 79 -1.86 -6.32 -10.72
CA CYS B 79 -0.53 -6.74 -11.16
C CYS B 79 0.38 -6.98 -9.95
N GLN B 80 0.09 -8.03 -9.20
CA GLN B 80 0.74 -8.23 -7.91
C GLN B 80 2.22 -8.56 -8.12
N ASP B 81 2.53 -9.32 -9.17
CA ASP B 81 3.92 -9.64 -9.49
C ASP B 81 4.71 -8.38 -9.85
N VAL B 82 4.12 -7.49 -10.64
CA VAL B 82 4.82 -6.26 -11.00
C VAL B 82 5.07 -5.44 -9.73
N ALA B 83 4.04 -5.35 -8.89
CA ALA B 83 4.16 -4.55 -7.69
C ALA B 83 5.26 -5.10 -6.79
N ALA B 84 5.33 -6.42 -6.66
CA ALA B 84 6.35 -7.03 -5.81
C ALA B 84 7.74 -6.78 -6.42
N ASP B 85 7.88 -6.92 -7.73
CA ASP B 85 9.16 -6.78 -8.42
C ASP B 85 9.66 -5.34 -8.33
N CYS B 86 8.74 -4.38 -8.31
CA CYS B 86 9.08 -2.98 -8.21
C CYS B 86 9.21 -2.48 -6.76
N GLU B 87 9.01 -3.38 -5.78
CA GLU B 87 9.18 -3.13 -4.35
C GLU B 87 8.25 -2.01 -3.85
N VAL B 88 6.98 -2.04 -4.27
CA VAL B 88 5.97 -1.10 -3.83
C VAL B 88 5.49 -1.47 -2.43
N LYS B 89 5.30 -0.46 -1.58
CA LYS B 89 4.72 -0.70 -0.26
C LYS B 89 3.67 0.36 0.14
N CYS B 90 3.59 1.46 -0.62
CA CYS B 90 2.65 2.54 -0.35
C CYS B 90 1.95 2.87 -1.65
N MET B 91 0.79 3.48 -1.57
CA MET B 91 0.09 3.91 -2.76
C MET B 91 -0.48 5.30 -2.50
N PRO B 92 -0.45 6.21 -3.49
CA PRO B 92 0.18 5.96 -4.80
C PRO B 92 1.70 6.05 -4.68
N THR B 93 2.41 5.16 -5.38
CA THR B 93 3.84 5.28 -5.55
C THR B 93 4.12 5.70 -6.99
N PHE B 94 5.00 6.71 -7.14
CA PHE B 94 5.44 7.15 -8.45
C PHE B 94 6.89 6.71 -8.64
N GLN B 95 7.12 5.88 -9.66
CA GLN B 95 8.45 5.44 -10.02
C GLN B 95 8.82 6.01 -11.38
N PHE B 96 10.12 6.28 -11.54
CA PHE B 96 10.63 7.01 -12.69
C PHE B 96 11.66 6.11 -13.34
N TYR B 97 11.44 5.79 -14.61
CA TYR B 97 12.27 4.85 -15.34
C TYR B 97 12.91 5.55 -16.55
N LYS B 98 14.18 5.21 -16.79
CA LYS B 98 14.90 5.68 -17.95
C LYS B 98 15.66 4.47 -18.49
N LYS B 99 15.43 4.12 -19.76
CA LYS B 99 16.12 3.02 -20.40
C LYS B 99 15.95 1.73 -19.59
N GLY B 100 14.73 1.58 -19.08
CA GLY B 100 14.29 0.37 -18.44
C GLY B 100 14.79 0.21 -17.01
N GLN B 101 15.44 1.23 -16.43
CA GLN B 101 15.91 1.17 -15.04
C GLN B 101 15.21 2.20 -14.17
N LYS B 102 14.98 1.83 -12.89
CA LYS B 102 14.33 2.71 -11.92
C LYS B 102 15.33 3.74 -11.43
N VAL B 103 15.13 5.03 -11.79
CA VAL B 103 16.08 6.05 -11.45
C VAL B 103 15.54 6.96 -10.34
N GLY B 104 14.29 6.78 -9.96
CA GLY B 104 13.78 7.51 -8.81
C GLY B 104 12.42 6.97 -8.38
N GLU B 105 11.98 7.37 -7.20
CA GLU B 105 10.70 6.93 -6.61
C GLU B 105 10.33 7.85 -5.46
N PHE B 106 9.02 8.02 -5.26
CA PHE B 106 8.50 8.50 -3.99
C PHE B 106 7.04 8.06 -3.89
N SER B 107 6.51 8.10 -2.66
CA SER B 107 5.12 7.80 -2.47
C SER B 107 4.39 9.00 -1.87
N GLY B 108 3.10 9.04 -2.20
CA GLY B 108 2.24 10.10 -1.68
C GLY B 108 1.59 10.91 -2.79
N ALA B 109 0.38 11.40 -2.49
CA ALA B 109 -0.40 12.22 -3.38
C ALA B 109 0.06 13.67 -3.26
N ASN B 110 1.26 13.93 -3.81
CA ASN B 110 1.94 15.21 -3.69
C ASN B 110 2.24 15.76 -5.09
N LYS B 111 1.39 16.70 -5.53
CA LYS B 111 1.41 17.29 -6.85
C LYS B 111 2.74 17.99 -7.13
N GLU B 112 3.15 18.86 -6.18
CA GLU B 112 4.39 19.63 -6.20
C GLU B 112 5.59 18.73 -6.44
N LYS B 113 5.73 17.68 -5.63
CA LYS B 113 6.83 16.74 -5.75
C LYS B 113 6.76 15.98 -7.07
N LEU B 114 5.56 15.62 -7.52
CA LEU B 114 5.47 14.94 -8.79
C LEU B 114 6.03 15.82 -9.91
N GLU B 115 5.64 17.09 -9.92
CA GLU B 115 6.09 18.03 -10.94
C GLU B 115 7.60 18.22 -10.87
N ALA B 116 8.13 18.43 -9.66
CA ALA B 116 9.54 18.73 -9.51
C ALA B 116 10.36 17.49 -9.83
N THR B 117 9.82 16.30 -9.53
CA THR B 117 10.55 15.07 -9.85
C THR B 117 10.59 14.80 -11.34
N ILE B 118 9.45 15.00 -12.03
CA ILE B 118 9.40 14.85 -13.48
C ILE B 118 10.42 15.79 -14.10
N THR B 119 10.48 17.02 -13.60
CA THR B 119 11.30 18.05 -14.20
C THR B 119 12.77 17.67 -14.04
N GLU B 120 13.13 17.08 -12.88
CA GLU B 120 14.50 16.64 -12.62
C GLU B 120 14.97 15.57 -13.59
N PHE B 121 14.08 14.67 -14.03
CA PHE B 121 14.46 13.47 -14.78
C PHE B 121 14.05 13.54 -16.24
N ALA B 122 13.25 14.53 -16.63
CA ALA B 122 12.70 14.52 -17.97
C ALA B 122 13.75 14.93 -19.01
#